data_7BRC
#
_entry.id   7BRC
#
_cell.length_a   49.340
_cell.length_b   115.610
_cell.length_c   57.860
_cell.angle_alpha   90.000
_cell.angle_beta   92.349
_cell.angle_gamma   90.000
#
_symmetry.space_group_name_H-M   'P 1 21 1'
#
loop_
_entity.id
_entity.type
_entity.pdbx_description
1 polymer 'Receptor-like kinase TMK3'
2 branched 2-acetamido-2-deoxy-beta-D-glucopyranose-(1-4)-2-acetamido-2-deoxy-beta-D-glucopyranose
3 non-polymer 2-acetamido-2-deoxy-beta-D-glucopyranose
4 water water
#
_entity_poly.entity_id   1
_entity_poly.type   'polypeptide(L)'
_entity_poly.pdbx_seq_one_letter_code
;QTGLDDSTMQSLKSSLNLTSDVDWSNPNPCKWQSVQCDGSNRVTKIQLKQKGIRGTLPTNLQSLSELVILELFLNRISGP
IPDLSGLSRLQTLNLHDNLFTSVPKNLFSGMSSLQEMYLENNPFDPWVIPDTVKEATSLQNLTLSNCSIIGKIPDFFGSQ
SLPSLTNLKLSQNGLEGELPMSFAGTSIQSLFLNGQKLNGSISVLGNMTSLVEVSLQGNQFSGPIPDLSGLVSLRVFNVR
ENQLTGVVPQSLVSLSSLTTVNLTNNYLQGPTPLFGKSVGVDIVNNMNSFCTNVAGEACDPRVDTLVSVAESFGYPVKLA
ESWKGNNPCVNWVGITCSGGNITVVNMRKQDLSGTISPSLAKLTSLETINLADNKLSGHIPDELTTLSKLRLLDVSNNDF
YGIPPKFRDTVTLVTEGNANMGKNGPNKTSDAPGASPGSKPSGGSDGSETSKKSSNVK
;
_entity_poly.pdbx_strand_id   A
#
loop_
_chem_comp.id
_chem_comp.type
_chem_comp.name
_chem_comp.formula
NAG D-saccharide, beta linking 2-acetamido-2-deoxy-beta-D-glucopyranose 'C8 H15 N O6'
#
# COMPACT_ATOMS: atom_id res chain seq x y z
N THR A 2 0.24 -46.06 25.01
CA THR A 2 -0.84 -45.26 25.58
C THR A 2 -1.26 -44.07 24.69
N GLY A 3 -0.58 -43.88 23.55
CA GLY A 3 -0.97 -42.81 22.63
C GLY A 3 -0.33 -42.84 21.25
N LEU A 4 -1.10 -42.49 20.22
CA LEU A 4 -0.57 -42.50 18.85
C LEU A 4 0.46 -41.42 18.60
N ASP A 5 0.53 -40.37 19.44
CA ASP A 5 1.48 -39.29 19.26
C ASP A 5 2.73 -39.45 20.11
N ASP A 6 2.75 -40.45 21.00
CA ASP A 6 3.87 -40.62 21.93
C ASP A 6 5.21 -40.61 21.21
N SER A 7 5.32 -41.36 20.10
CA SER A 7 6.62 -41.52 19.47
C SER A 7 7.08 -40.22 18.80
N THR A 8 6.14 -39.44 18.23
CA THR A 8 6.53 -38.15 17.67
C THR A 8 6.91 -37.15 18.77
N MET A 9 6.22 -37.21 19.91
CA MET A 9 6.55 -36.35 21.05
C MET A 9 7.96 -36.64 21.60
N GLN A 10 8.39 -37.92 21.58
CA GLN A 10 9.77 -38.21 21.93
C GLN A 10 10.74 -37.52 20.96
N SER A 11 10.41 -37.50 19.67
CA SER A 11 11.24 -36.81 18.68
C SER A 11 11.38 -35.33 19.00
N LEU A 12 10.27 -34.70 19.40
CA LEU A 12 10.29 -33.30 19.84
C LEU A 12 11.13 -33.12 21.10
N LYS A 13 10.94 -34.00 22.10
CA LYS A 13 11.72 -33.85 23.33
C LYS A 13 13.21 -34.01 23.05
N SER A 14 13.59 -34.87 22.10
CA SER A 14 15.01 -35.04 21.78
C SER A 14 15.55 -33.84 21.01
N SER A 15 14.74 -33.22 20.16
CA SER A 15 15.30 -32.16 19.32
C SER A 15 15.34 -30.81 20.01
N LEU A 16 14.63 -30.62 21.13
CA LEU A 16 14.66 -29.38 21.91
C LEU A 16 15.54 -29.52 23.14
N ASN A 17 16.34 -28.49 23.41
CA ASN A 17 17.14 -28.43 24.65
C ASN A 17 16.25 -27.79 25.70
N LEU A 18 15.44 -28.61 26.36
CA LEU A 18 14.42 -28.07 27.23
C LEU A 18 15.07 -27.27 28.35
N THR A 19 14.52 -26.11 28.66
CA THR A 19 15.02 -25.56 29.90
C THR A 19 14.60 -26.40 31.05
N SER A 20 15.08 -25.96 32.16
CA SER A 20 15.12 -26.98 33.20
C SER A 20 13.80 -26.97 34.02
N ASP A 21 13.09 -25.87 34.03
CA ASP A 21 11.74 -25.87 34.64
C ASP A 21 10.61 -26.43 33.74
N VAL A 22 10.94 -27.20 32.69
CA VAL A 22 9.93 -27.84 31.83
C VAL A 22 10.07 -29.35 32.04
N ASP A 23 9.10 -29.95 32.71
CA ASP A 23 9.19 -31.35 33.11
C ASP A 23 8.55 -32.22 32.04
N TRP A 24 9.39 -32.82 31.18
CA TRP A 24 8.93 -33.76 30.16
C TRP A 24 9.45 -35.18 30.46
N SER A 25 9.47 -35.55 31.74
CA SER A 25 10.09 -36.80 32.15
C SER A 25 9.11 -37.97 32.24
N ASN A 26 7.81 -37.69 32.29
CA ASN A 26 6.83 -38.76 32.43
C ASN A 26 6.92 -39.73 31.25
N PRO A 27 6.72 -41.04 31.49
CA PRO A 27 6.64 -41.98 30.36
C PRO A 27 5.50 -41.69 29.39
N ASN A 28 4.44 -40.99 29.84
CA ASN A 28 3.30 -40.63 29.03
C ASN A 28 3.40 -39.15 28.62
N PRO A 29 3.71 -38.85 27.36
CA PRO A 29 3.82 -37.44 26.95
C PRO A 29 2.55 -36.63 27.18
N CYS A 30 1.38 -37.26 27.26
CA CYS A 30 0.17 -36.51 27.58
C CYS A 30 0.19 -35.92 28.98
N LYS A 31 1.12 -36.33 29.84
CA LYS A 31 1.29 -35.75 31.16
C LYS A 31 2.43 -34.75 31.21
N TRP A 32 3.05 -34.44 30.07
CA TRP A 32 4.16 -33.51 30.07
C TRP A 32 3.70 -32.09 30.37
N GLN A 33 4.59 -31.33 30.98
CA GLN A 33 4.30 -29.95 31.32
C GLN A 33 4.10 -29.12 30.05
N SER A 34 3.02 -28.32 30.03
CA SER A 34 2.67 -27.41 28.94
C SER A 34 2.28 -28.14 27.65
N VAL A 35 1.97 -29.42 27.76
CA VAL A 35 1.41 -30.22 26.68
C VAL A 35 -0.01 -30.60 27.09
N GLN A 36 -0.95 -30.49 26.16
CA GLN A 36 -2.33 -30.90 26.43
C GLN A 36 -2.76 -31.95 25.43
N CYS A 37 -3.51 -32.93 25.91
CA CYS A 37 -4.09 -33.95 25.06
C CYS A 37 -5.61 -33.92 25.13
N ASP A 38 -6.26 -34.45 24.09
CA ASP A 38 -7.71 -34.61 24.14
C ASP A 38 -8.09 -35.94 24.79
N GLY A 39 -9.40 -36.19 24.88
CA GLY A 39 -9.91 -37.40 25.49
C GLY A 39 -9.36 -38.69 24.90
N SER A 40 -8.93 -38.67 23.65
CA SER A 40 -8.36 -39.86 23.00
C SER A 40 -6.84 -39.93 23.12
N ASN A 41 -6.25 -39.14 24.01
CA ASN A 41 -4.80 -39.10 24.21
C ASN A 41 -4.05 -38.64 22.95
N ARG A 42 -4.65 -37.78 22.14
CA ARG A 42 -3.93 -37.14 21.04
C ARG A 42 -3.51 -35.74 21.46
N VAL A 43 -2.30 -35.34 21.08
CA VAL A 43 -1.77 -34.04 21.48
C VAL A 43 -2.49 -32.93 20.73
N THR A 44 -3.01 -31.97 21.48
CA THR A 44 -3.76 -30.84 20.92
C THR A 44 -3.10 -29.49 21.16
N LYS A 45 -2.28 -29.33 22.19
CA LYS A 45 -1.60 -28.06 22.47
C LYS A 45 -0.18 -28.31 22.94
N ILE A 46 0.75 -27.49 22.45
CA ILE A 46 2.12 -27.43 22.95
C ILE A 46 2.47 -25.95 23.07
N GLN A 47 2.80 -25.50 24.28
CA GLN A 47 2.91 -24.07 24.60
C GLN A 47 4.15 -23.84 25.47
N LEU A 48 5.28 -23.57 24.82
CA LEU A 48 6.54 -23.28 25.48
C LEU A 48 6.89 -21.82 25.15
N LYS A 49 6.38 -20.91 25.98
CA LYS A 49 6.43 -19.48 25.68
C LYS A 49 7.58 -18.81 26.43
N GLN A 50 8.41 -18.08 25.70
CA GLN A 50 9.44 -17.21 26.29
C GLN A 50 10.37 -17.95 27.23
N LYS A 51 10.79 -19.16 26.86
CA LYS A 51 11.69 -19.92 27.70
C LYS A 51 13.14 -19.84 27.24
N GLY A 52 13.40 -19.19 26.11
CA GLY A 52 14.75 -19.16 25.56
C GLY A 52 15.29 -20.51 25.13
N ILE A 53 14.42 -21.48 24.84
CA ILE A 53 14.85 -22.84 24.55
C ILE A 53 15.57 -22.89 23.21
N ARG A 54 16.75 -23.51 23.20
CA ARG A 54 17.46 -23.79 21.95
C ARG A 54 17.12 -25.20 21.45
N GLY A 55 17.50 -25.48 20.20
CA GLY A 55 17.26 -26.76 19.56
C GLY A 55 16.64 -26.55 18.20
N THR A 56 15.93 -27.57 17.73
CA THR A 56 15.30 -27.55 16.43
C THR A 56 13.94 -28.20 16.55
N LEU A 57 13.18 -28.12 15.50
CA LEU A 57 11.92 -28.83 15.34
C LEU A 57 12.15 -30.13 14.57
N PRO A 58 11.60 -31.25 15.03
CA PRO A 58 11.78 -32.50 14.29
C PRO A 58 11.00 -32.45 12.99
N THR A 59 11.56 -33.11 11.97
CA THR A 59 10.93 -33.13 10.67
C THR A 59 9.63 -33.93 10.62
N ASN A 60 9.33 -34.76 11.63
CA ASN A 60 8.05 -35.46 11.69
C ASN A 60 7.02 -34.74 12.56
N LEU A 61 7.22 -33.44 12.85
CA LEU A 61 6.25 -32.68 13.64
C LEU A 61 4.82 -32.78 13.09
N GLN A 62 4.66 -32.74 11.76
CA GLN A 62 3.31 -32.75 11.18
C GLN A 62 2.55 -34.05 11.41
N SER A 63 3.19 -35.09 11.96
CA SER A 63 2.49 -36.29 12.38
C SER A 63 1.50 -36.05 13.50
N LEU A 64 1.61 -34.92 14.22
CA LEU A 64 0.68 -34.61 15.31
C LEU A 64 -0.62 -34.08 14.70
N SER A 65 -1.36 -35.00 14.06
CA SER A 65 -2.44 -34.56 13.18
C SER A 65 -3.60 -33.89 13.92
N GLU A 66 -3.66 -33.98 15.24
CA GLU A 66 -4.70 -33.37 16.05
C GLU A 66 -4.25 -32.07 16.71
N LEU A 67 -3.04 -31.61 16.42
CA LEU A 67 -2.51 -30.42 17.09
C LEU A 67 -3.34 -29.20 16.73
N VAL A 68 -3.79 -28.46 17.75
CA VAL A 68 -4.61 -27.28 17.56
C VAL A 68 -3.82 -25.99 17.85
N ILE A 69 -3.01 -25.99 18.91
CA ILE A 69 -2.26 -24.83 19.37
C ILE A 69 -0.78 -25.18 19.41
N LEU A 70 0.04 -24.39 18.72
CA LEU A 70 1.49 -24.53 18.79
C LEU A 70 2.09 -23.15 19.03
N GLU A 71 2.55 -22.91 20.25
CA GLU A 71 3.11 -21.62 20.67
C GLU A 71 4.52 -21.87 21.20
N LEU A 72 5.52 -21.37 20.48
CA LEU A 72 6.92 -21.53 20.86
C LEU A 72 7.67 -20.22 20.72
N PHE A 73 6.96 -19.09 20.80
CA PHE A 73 7.56 -17.81 20.51
C PHE A 73 8.52 -17.40 21.63
N LEU A 74 9.51 -16.58 21.25
CA LEU A 74 10.50 -16.04 22.19
C LEU A 74 11.33 -17.16 22.81
N ASN A 75 11.69 -18.14 21.99
CA ASN A 75 12.75 -19.08 22.36
C ASN A 75 13.95 -18.82 21.45
N ARG A 76 14.85 -19.79 21.36
CA ARG A 76 15.99 -19.67 20.46
C ARG A 76 16.06 -20.90 19.56
N ILE A 77 14.91 -21.31 19.04
CA ILE A 77 14.85 -22.52 18.23
C ILE A 77 15.36 -22.20 16.85
N SER A 78 16.25 -23.04 16.34
CA SER A 78 16.93 -22.76 15.08
C SER A 78 16.55 -23.81 14.04
N GLY A 79 17.19 -23.70 12.87
CA GLY A 79 16.98 -24.63 11.79
C GLY A 79 15.76 -24.30 10.97
N PRO A 80 15.38 -25.21 10.08
CA PRO A 80 14.20 -24.99 9.24
C PRO A 80 12.91 -25.29 9.98
N ILE A 81 11.88 -24.52 9.62
CA ILE A 81 10.53 -24.93 9.97
C ILE A 81 10.12 -26.09 9.06
N PRO A 82 9.69 -27.23 9.60
CA PRO A 82 9.40 -28.38 8.74
C PRO A 82 8.08 -28.23 8.01
N ASP A 83 7.85 -29.16 7.08
CA ASP A 83 6.57 -29.30 6.42
C ASP A 83 5.43 -29.40 7.44
N LEU A 84 4.44 -28.51 7.31
CA LEU A 84 3.33 -28.43 8.24
C LEU A 84 1.99 -28.80 7.61
N SER A 85 1.99 -29.33 6.39
CA SER A 85 0.73 -29.54 5.67
C SER A 85 -0.14 -30.64 6.28
N GLY A 86 0.44 -31.54 7.10
CA GLY A 86 -0.37 -32.51 7.81
C GLY A 86 -1.16 -31.93 9.00
N LEU A 87 -0.90 -30.69 9.38
CA LEU A 87 -1.53 -30.09 10.56
C LEU A 87 -2.84 -29.42 10.15
N SER A 88 -3.79 -30.25 9.73
CA SER A 88 -5.03 -29.73 9.18
C SER A 88 -6.00 -29.26 10.25
N ARG A 89 -5.72 -29.53 11.53
CA ARG A 89 -6.56 -29.03 12.61
C ARG A 89 -5.92 -27.87 13.36
N LEU A 90 -4.71 -27.46 12.98
CA LEU A 90 -3.99 -26.38 13.65
C LEU A 90 -4.73 -25.05 13.47
N GLN A 91 -5.08 -24.41 14.59
CA GLN A 91 -5.77 -23.12 14.59
C GLN A 91 -4.83 -21.94 14.83
N THR A 92 -3.78 -22.14 15.64
CA THR A 92 -2.84 -21.10 16.01
C THR A 92 -1.41 -21.62 15.83
N LEU A 93 -0.59 -20.87 15.10
CA LEU A 93 0.83 -21.16 14.96
C LEU A 93 1.59 -19.88 15.29
N ASN A 94 2.29 -19.87 16.43
CA ASN A 94 2.98 -18.69 16.93
C ASN A 94 4.45 -19.04 17.18
N LEU A 95 5.31 -18.68 16.23
CA LEU A 95 6.73 -18.98 16.30
C LEU A 95 7.60 -17.73 16.29
N HIS A 96 7.03 -16.58 16.65
CA HIS A 96 7.76 -15.34 16.43
C HIS A 96 8.94 -15.22 17.38
N ASP A 97 9.99 -14.53 16.91
CA ASP A 97 11.21 -14.27 17.67
C ASP A 97 11.91 -15.58 18.08
N ASN A 98 12.25 -16.38 17.08
CA ASN A 98 13.14 -17.50 17.29
C ASN A 98 14.35 -17.32 16.38
N LEU A 99 15.01 -18.42 16.00
CA LEU A 99 16.17 -18.39 15.13
C LEU A 99 15.97 -19.26 13.89
N PHE A 100 14.72 -19.41 13.47
CA PHE A 100 14.43 -20.26 12.30
C PHE A 100 15.02 -19.64 11.04
N THR A 101 15.59 -20.48 10.19
CA THR A 101 16.34 -19.99 9.03
C THR A 101 15.66 -20.29 7.70
N SER A 102 14.53 -20.99 7.69
CA SER A 102 13.77 -21.15 6.46
C SER A 102 12.35 -21.57 6.78
N VAL A 103 11.45 -21.35 5.81
CA VAL A 103 10.05 -21.76 5.87
C VAL A 103 9.86 -22.84 4.81
N PRO A 104 8.93 -23.78 4.99
CA PRO A 104 8.68 -24.75 3.91
C PRO A 104 8.10 -24.05 2.70
N LYS A 105 8.51 -24.53 1.52
CA LYS A 105 8.05 -23.89 0.29
C LYS A 105 6.58 -24.13 0.01
N ASN A 106 5.93 -25.07 0.70
CA ASN A 106 4.50 -25.25 0.59
C ASN A 106 3.73 -24.68 1.79
N LEU A 107 4.28 -23.67 2.45
CA LEU A 107 3.61 -23.11 3.63
C LEU A 107 2.14 -22.80 3.34
N PHE A 108 1.27 -23.12 4.31
CA PHE A 108 -0.18 -22.91 4.30
C PHE A 108 -0.93 -24.04 3.64
N SER A 109 -0.27 -24.83 2.81
CA SER A 109 -0.93 -25.96 2.18
C SER A 109 -1.46 -26.92 3.25
N GLY A 110 -2.70 -27.40 3.05
CA GLY A 110 -3.32 -28.30 3.98
C GLY A 110 -3.84 -27.68 5.27
N MET A 111 -3.54 -26.41 5.54
CA MET A 111 -3.83 -25.84 6.86
C MET A 111 -5.22 -25.19 6.87
N SER A 112 -6.23 -26.06 6.73
CA SER A 112 -7.58 -25.54 6.53
C SER A 112 -8.22 -25.02 7.82
N SER A 113 -7.63 -25.26 8.99
CA SER A 113 -8.18 -24.74 10.23
C SER A 113 -7.44 -23.52 10.77
N LEU A 114 -6.33 -23.13 10.14
CA LEU A 114 -5.48 -22.08 10.70
C LEU A 114 -6.21 -20.75 10.74
N GLN A 115 -6.30 -20.16 11.94
CA GLN A 115 -6.87 -18.83 12.10
C GLN A 115 -5.83 -17.73 12.24
N GLU A 116 -4.66 -18.04 12.82
CA GLU A 116 -3.67 -17.01 13.08
C GLU A 116 -2.28 -17.61 12.95
N MET A 117 -1.39 -16.86 12.31
CA MET A 117 -0.01 -17.28 12.16
C MET A 117 0.91 -16.10 12.40
N TYR A 118 1.87 -16.26 13.33
CA TYR A 118 2.81 -15.20 13.68
C TYR A 118 4.23 -15.76 13.56
N LEU A 119 4.97 -15.33 12.53
CA LEU A 119 6.35 -15.76 12.34
C LEU A 119 7.34 -14.62 12.45
N GLU A 120 6.92 -13.44 12.92
CA GLU A 120 7.72 -12.24 12.71
C GLU A 120 9.04 -12.31 13.48
N ASN A 121 10.07 -11.71 12.88
CA ASN A 121 11.40 -11.55 13.47
C ASN A 121 12.14 -12.89 13.54
N ASN A 122 12.06 -13.67 12.49
CA ASN A 122 12.94 -14.80 12.40
C ASN A 122 13.93 -14.57 11.26
N PRO A 123 15.17 -15.01 11.40
CA PRO A 123 16.20 -14.76 10.37
C PRO A 123 16.08 -15.71 9.18
N PHE A 124 14.89 -15.71 8.57
CA PHE A 124 14.64 -16.60 7.44
C PHE A 124 15.56 -16.26 6.25
N ASP A 125 15.96 -17.30 5.51
CA ASP A 125 16.41 -17.09 4.14
C ASP A 125 15.31 -16.40 3.35
N PRO A 126 15.67 -15.54 2.38
CA PRO A 126 14.66 -14.78 1.64
C PRO A 126 13.67 -15.67 0.90
N TRP A 127 12.39 -15.29 0.93
CA TRP A 127 11.37 -16.16 0.36
C TRP A 127 10.21 -15.33 -0.15
N VAL A 128 9.53 -15.88 -1.15
CA VAL A 128 8.30 -15.32 -1.68
C VAL A 128 7.13 -15.97 -0.98
N ILE A 129 6.11 -15.19 -0.65
CA ILE A 129 4.88 -15.73 -0.08
C ILE A 129 4.29 -16.69 -1.11
N PRO A 130 4.15 -17.98 -0.79
CA PRO A 130 3.72 -18.95 -1.80
C PRO A 130 2.23 -18.85 -2.10
N ASP A 131 1.87 -19.32 -3.29
CA ASP A 131 0.47 -19.31 -3.72
C ASP A 131 -0.38 -20.29 -2.91
N THR A 132 0.24 -21.22 -2.19
CA THR A 132 -0.49 -22.12 -1.31
C THR A 132 -1.13 -21.41 -0.13
N VAL A 133 -0.85 -20.11 0.06
CA VAL A 133 -1.54 -19.31 1.06
C VAL A 133 -3.05 -19.35 0.82
N LYS A 134 -3.48 -19.58 -0.41
CA LYS A 134 -4.91 -19.65 -0.71
C LYS A 134 -5.57 -20.87 -0.08
N GLU A 135 -4.81 -21.84 0.41
CA GLU A 135 -5.40 -22.98 1.09
C GLU A 135 -5.75 -22.67 2.55
N ALA A 136 -5.20 -21.59 3.11
CA ALA A 136 -5.48 -21.25 4.50
C ALA A 136 -6.75 -20.40 4.60
N THR A 137 -7.87 -21.01 4.20
CA THR A 137 -9.13 -20.30 4.02
C THR A 137 -9.77 -19.82 5.31
N SER A 138 -9.33 -20.28 6.47
CA SER A 138 -9.84 -19.78 7.76
C SER A 138 -9.02 -18.64 8.33
N LEU A 139 -7.93 -18.25 7.65
CA LEU A 139 -6.98 -17.29 8.18
C LEU A 139 -7.65 -15.98 8.57
N GLN A 140 -7.32 -15.50 9.76
CA GLN A 140 -7.76 -14.20 10.27
C GLN A 140 -6.59 -13.25 10.51
N ASN A 141 -5.55 -13.73 11.17
CA ASN A 141 -4.38 -12.93 11.52
C ASN A 141 -3.16 -13.53 10.84
N LEU A 142 -2.46 -12.72 10.07
CA LEU A 142 -1.21 -13.14 9.45
C LEU A 142 -0.18 -12.04 9.70
N THR A 143 0.80 -12.31 10.57
CA THR A 143 1.90 -11.41 10.83
C THR A 143 3.19 -12.07 10.35
N LEU A 144 3.72 -11.57 9.23
CA LEU A 144 5.01 -12.00 8.70
C LEU A 144 6.00 -10.83 8.62
N SER A 145 5.90 -9.92 9.57
CA SER A 145 6.77 -8.73 9.59
C SER A 145 8.21 -9.12 9.88
N ASN A 146 9.14 -8.48 9.17
CA ASN A 146 10.56 -8.70 9.41
C ASN A 146 10.90 -10.19 9.30
N CYS A 147 10.52 -10.79 8.16
CA CYS A 147 10.70 -12.20 7.87
C CYS A 147 11.52 -12.47 6.61
N SER A 148 12.23 -11.45 6.08
CA SER A 148 13.03 -11.55 4.85
C SER A 148 12.20 -11.93 3.63
N ILE A 149 10.98 -11.45 3.55
CA ILE A 149 10.14 -11.76 2.40
C ILE A 149 10.52 -10.85 1.23
N ILE A 150 10.50 -11.40 0.01
CA ILE A 150 10.81 -10.65 -1.21
C ILE A 150 9.74 -10.95 -2.24
N GLY A 151 9.88 -10.34 -3.41
CA GLY A 151 8.90 -10.51 -4.46
C GLY A 151 7.69 -9.60 -4.25
N LYS A 152 6.57 -10.01 -4.85
CA LYS A 152 5.37 -9.21 -4.81
C LYS A 152 4.36 -9.81 -3.84
N ILE A 153 3.42 -8.98 -3.41
CA ILE A 153 2.27 -9.45 -2.65
C ILE A 153 1.44 -10.29 -3.60
N PRO A 154 1.19 -11.57 -3.29
CA PRO A 154 0.40 -12.41 -4.19
C PRO A 154 -1.06 -11.94 -4.23
N ASP A 155 -1.69 -12.17 -5.38
CA ASP A 155 -3.06 -11.72 -5.59
C ASP A 155 -4.08 -12.76 -5.11
N PHE A 156 -3.88 -13.28 -3.90
CA PHE A 156 -4.73 -14.32 -3.35
C PHE A 156 -5.36 -13.91 -2.03
N PHE A 157 -5.51 -12.62 -1.79
CA PHE A 157 -6.12 -12.11 -0.56
C PHE A 157 -7.55 -11.65 -0.80
N GLY A 158 -8.15 -12.01 -1.92
CA GLY A 158 -9.55 -11.70 -2.16
C GLY A 158 -10.46 -12.45 -1.22
N SER A 159 -11.75 -12.10 -1.26
CA SER A 159 -12.70 -12.67 -0.30
C SER A 159 -13.11 -14.09 -0.64
N GLN A 160 -13.06 -14.48 -1.92
CA GLN A 160 -13.40 -15.87 -2.21
C GLN A 160 -12.24 -16.81 -2.00
N SER A 161 -11.08 -16.29 -1.58
CA SER A 161 -9.97 -17.09 -1.10
C SER A 161 -9.90 -17.06 0.42
N LEU A 162 -9.70 -15.87 1.00
CA LEU A 162 -9.48 -15.69 2.43
C LEU A 162 -10.59 -14.80 3.01
N PRO A 163 -11.83 -15.31 3.08
CA PRO A 163 -12.95 -14.46 3.50
C PRO A 163 -12.89 -13.97 4.93
N SER A 164 -12.06 -14.55 5.79
CA SER A 164 -11.98 -14.14 7.18
C SER A 164 -10.78 -13.27 7.48
N LEU A 165 -9.95 -12.95 6.50
CA LEU A 165 -8.71 -12.23 6.77
C LEU A 165 -9.00 -10.83 7.31
N THR A 166 -8.37 -10.52 8.45
CA THR A 166 -8.67 -9.32 9.22
C THR A 166 -7.44 -8.47 9.46
N ASN A 167 -6.33 -9.08 9.89
CA ASN A 167 -5.11 -8.35 10.26
C ASN A 167 -3.95 -8.90 9.43
N LEU A 168 -3.53 -8.12 8.44
CA LEU A 168 -2.44 -8.51 7.54
C LEU A 168 -1.27 -7.59 7.81
N LYS A 169 -0.22 -8.14 8.43
CA LYS A 169 0.97 -7.40 8.85
C LYS A 169 2.18 -7.96 8.09
N LEU A 170 2.71 -7.18 7.15
CA LEU A 170 3.86 -7.58 6.34
C LEU A 170 4.98 -6.53 6.41
N SER A 171 5.08 -5.86 7.56
CA SER A 171 6.01 -4.75 7.72
C SER A 171 7.46 -5.19 7.56
N GLN A 172 8.28 -4.28 7.02
CA GLN A 172 9.74 -4.37 7.08
C GLN A 172 10.24 -5.66 6.44
N ASN A 173 9.66 -6.01 5.30
CA ASN A 173 10.25 -7.06 4.48
C ASN A 173 10.95 -6.38 3.32
N GLY A 174 10.96 -7.01 2.15
CA GLY A 174 11.54 -6.46 0.95
C GLY A 174 10.56 -6.59 -0.20
N LEU A 175 9.28 -6.52 0.12
CA LEU A 175 8.26 -6.60 -0.91
C LEU A 175 8.39 -5.42 -1.88
N GLU A 176 7.98 -5.67 -3.12
CA GLU A 176 8.05 -4.68 -4.16
C GLU A 176 6.82 -4.85 -5.05
N GLY A 177 6.63 -3.91 -5.97
CA GLY A 177 5.51 -3.98 -6.87
C GLY A 177 4.27 -3.32 -6.29
N GLU A 178 3.14 -3.62 -6.92
CA GLU A 178 1.91 -2.89 -6.67
C GLU A 178 1.02 -3.62 -5.68
N LEU A 179 0.08 -2.87 -5.12
CA LEU A 179 -0.96 -3.47 -4.29
C LEU A 179 -1.81 -4.40 -5.15
N PRO A 180 -2.13 -5.61 -4.69
CA PRO A 180 -2.94 -6.52 -5.50
C PRO A 180 -4.35 -5.96 -5.71
N MET A 181 -4.89 -6.22 -6.91
CA MET A 181 -6.26 -5.81 -7.21
C MET A 181 -7.28 -6.52 -6.32
N SER A 182 -7.00 -7.76 -5.95
CA SER A 182 -7.96 -8.50 -5.13
C SER A 182 -8.12 -7.93 -3.73
N PHE A 183 -7.33 -6.92 -3.34
CA PHE A 183 -7.61 -6.18 -2.11
C PHE A 183 -8.99 -5.52 -2.16
N ALA A 184 -9.47 -5.19 -3.37
CA ALA A 184 -10.76 -4.53 -3.52
C ALA A 184 -11.88 -5.44 -3.04
N GLY A 185 -12.80 -4.89 -2.25
CA GLY A 185 -13.91 -5.65 -1.71
C GLY A 185 -13.57 -6.54 -0.53
N THR A 186 -12.31 -6.63 -0.11
CA THR A 186 -12.01 -7.42 1.06
C THR A 186 -12.49 -6.71 2.32
N SER A 187 -12.46 -7.45 3.42
CA SER A 187 -12.83 -6.95 4.75
C SER A 187 -11.63 -6.99 5.69
N ILE A 188 -10.44 -6.78 5.12
CA ILE A 188 -9.25 -6.50 5.91
C ILE A 188 -9.51 -5.28 6.77
N GLN A 189 -9.13 -5.34 8.04
CA GLN A 189 -9.33 -4.23 8.95
C GLN A 189 -8.04 -3.56 9.39
N SER A 190 -6.92 -4.28 9.37
CA SER A 190 -5.61 -3.75 9.72
C SER A 190 -4.62 -4.17 8.63
N LEU A 191 -4.01 -3.20 8.00
CA LEU A 191 -3.09 -3.42 6.88
C LEU A 191 -1.81 -2.68 7.22
N PHE A 192 -0.73 -3.42 7.45
CA PHE A 192 0.57 -2.86 7.73
C PHE A 192 1.55 -3.36 6.68
N LEU A 193 1.98 -2.44 5.81
CA LEU A 193 2.89 -2.73 4.71
C LEU A 193 4.08 -1.78 4.73
N ASN A 194 4.35 -1.16 5.87
CA ASN A 194 5.35 -0.12 5.97
C ASN A 194 6.76 -0.67 5.77
N GLY A 195 7.61 0.16 5.17
CA GLY A 195 9.04 -0.06 5.23
C GLY A 195 9.63 -0.98 4.18
N GLN A 196 9.16 -0.91 2.95
CA GLN A 196 9.83 -1.66 1.88
C GLN A 196 9.78 -0.90 0.55
N LYS A 197 9.41 -1.57 -0.54
CA LYS A 197 9.58 -1.01 -1.88
C LYS A 197 8.31 -1.11 -2.71
N LEU A 198 7.15 -1.11 -2.06
CA LEU A 198 5.91 -1.14 -2.82
C LEU A 198 5.72 0.18 -3.57
N ASN A 199 5.04 0.12 -4.71
CA ASN A 199 4.92 1.31 -5.57
C ASN A 199 3.55 1.32 -6.25
N GLY A 200 3.38 2.26 -7.19
CA GLY A 200 2.13 2.36 -7.91
C GLY A 200 1.07 3.13 -7.13
N SER A 201 -0.17 2.97 -7.56
CA SER A 201 -1.29 3.72 -7.03
C SER A 201 -1.82 3.09 -5.75
N ILE A 202 -2.41 3.93 -4.89
CA ILE A 202 -3.10 3.44 -3.70
C ILE A 202 -4.61 3.60 -3.83
N SER A 203 -5.12 3.75 -5.06
CA SER A 203 -6.55 3.87 -5.25
C SER A 203 -7.34 2.67 -4.72
N VAL A 204 -6.75 1.48 -4.63
CA VAL A 204 -7.50 0.32 -4.15
C VAL A 204 -7.96 0.50 -2.70
N LEU A 205 -7.28 1.33 -1.92
CA LEU A 205 -7.70 1.60 -0.54
C LEU A 205 -9.16 2.03 -0.47
N GLY A 206 -9.65 2.74 -1.49
CA GLY A 206 -11.02 3.23 -1.48
C GLY A 206 -12.05 2.13 -1.58
N ASN A 207 -11.65 0.93 -2.01
CA ASN A 207 -12.51 -0.23 -2.06
C ASN A 207 -12.28 -1.18 -0.89
N MET A 208 -11.54 -0.74 0.12
CA MET A 208 -11.29 -1.53 1.32
C MET A 208 -12.04 -0.89 2.49
N THR A 209 -13.36 -1.05 2.47
CA THR A 209 -14.23 -0.26 3.33
C THR A 209 -14.27 -0.75 4.77
N SER A 210 -13.64 -1.86 5.09
CA SER A 210 -13.56 -2.33 6.47
C SER A 210 -12.31 -1.84 7.19
N LEU A 211 -11.43 -1.14 6.49
CA LEU A 211 -10.16 -0.73 7.08
C LEU A 211 -10.39 0.11 8.32
N VAL A 212 -9.68 -0.25 9.39
CA VAL A 212 -9.63 0.53 10.60
C VAL A 212 -8.29 1.23 10.76
N GLU A 213 -7.20 0.56 10.36
CA GLU A 213 -5.84 1.03 10.50
C GLU A 213 -5.07 0.59 9.27
N VAL A 214 -4.39 1.53 8.62
CA VAL A 214 -3.50 1.22 7.51
C VAL A 214 -2.21 1.99 7.71
N SER A 215 -1.09 1.32 7.53
CA SER A 215 0.21 1.99 7.42
C SER A 215 0.87 1.53 6.13
N LEU A 216 1.09 2.48 5.24
CA LEU A 216 1.92 2.30 4.05
C LEU A 216 3.23 3.05 4.18
N GLN A 217 3.58 3.48 5.39
CA GLN A 217 4.72 4.36 5.62
C GLN A 217 6.01 3.80 5.02
N GLY A 218 6.79 4.67 4.36
CA GLY A 218 8.10 4.27 3.87
C GLY A 218 8.09 3.30 2.69
N ASN A 219 7.43 3.68 1.61
CA ASN A 219 7.44 2.88 0.40
C ASN A 219 7.66 3.84 -0.77
N GLN A 220 7.19 3.50 -1.96
CA GLN A 220 7.33 4.37 -3.13
C GLN A 220 5.98 4.59 -3.80
N PHE A 221 4.90 4.59 -3.01
CA PHE A 221 3.58 4.83 -3.60
C PHE A 221 3.51 6.24 -4.20
N SER A 222 2.82 6.37 -5.33
CA SER A 222 2.67 7.64 -6.02
C SER A 222 1.22 7.87 -6.40
N GLY A 223 0.93 9.05 -6.94
CA GLY A 223 -0.41 9.40 -7.33
C GLY A 223 -1.19 9.91 -6.15
N PRO A 224 -2.46 10.24 -6.36
CA PRO A 224 -3.27 10.84 -5.30
C PRO A 224 -3.89 9.83 -4.34
N ILE A 225 -4.27 10.34 -3.18
CA ILE A 225 -5.10 9.59 -2.23
C ILE A 225 -6.51 9.47 -2.80
N PRO A 226 -7.09 8.28 -2.88
CA PRO A 226 -8.41 8.15 -3.53
C PRO A 226 -9.53 8.67 -2.63
N ASP A 227 -10.74 8.64 -3.20
CA ASP A 227 -11.96 8.88 -2.45
C ASP A 227 -12.12 7.81 -1.39
N LEU A 228 -12.09 8.22 -0.11
CA LEU A 228 -12.17 7.29 1.01
C LEU A 228 -13.52 7.35 1.73
N SER A 229 -14.55 7.88 1.09
CA SER A 229 -15.80 8.12 1.83
C SER A 229 -16.47 6.82 2.29
N GLY A 230 -16.06 5.67 1.73
CA GLY A 230 -16.62 4.41 2.18
C GLY A 230 -15.99 3.84 3.44
N LEU A 231 -14.86 4.39 3.87
CA LEU A 231 -14.11 3.81 4.99
C LEU A 231 -14.61 4.41 6.30
N VAL A 232 -15.86 4.08 6.62
CA VAL A 232 -16.55 4.75 7.73
C VAL A 232 -16.04 4.30 9.09
N SER A 233 -15.14 3.32 9.15
CA SER A 233 -14.52 2.95 10.42
C SER A 233 -13.03 3.28 10.46
N LEU A 234 -12.50 3.96 9.45
CA LEU A 234 -11.07 4.23 9.41
C LEU A 234 -10.67 5.10 10.60
N ARG A 235 -9.63 4.68 11.33
CA ARG A 235 -9.16 5.46 12.47
C ARG A 235 -7.73 5.96 12.30
N VAL A 236 -6.84 5.15 11.76
CA VAL A 236 -5.43 5.49 11.62
C VAL A 236 -5.07 5.36 10.15
N PHE A 237 -4.59 6.47 9.56
CA PHE A 237 -4.19 6.50 8.16
C PHE A 237 -2.78 7.06 8.09
N ASN A 238 -1.80 6.20 7.82
CA ASN A 238 -0.39 6.58 7.84
C ASN A 238 0.22 6.25 6.49
N VAL A 239 0.54 7.29 5.71
CA VAL A 239 1.14 7.11 4.39
C VAL A 239 2.43 7.93 4.33
N ARG A 240 3.04 8.16 5.49
CA ARG A 240 4.31 8.87 5.62
C ARG A 240 5.39 8.29 4.72
N GLU A 241 6.23 9.18 4.19
CA GLU A 241 7.43 8.82 3.42
C GLU A 241 7.08 8.01 2.17
N ASN A 242 6.28 8.61 1.31
CA ASN A 242 5.99 8.04 0.01
C ASN A 242 6.19 9.15 -1.02
N GLN A 243 5.64 8.98 -2.21
CA GLN A 243 5.65 10.00 -3.26
C GLN A 243 4.23 10.39 -3.65
N LEU A 244 3.33 10.46 -2.68
CA LEU A 244 1.95 10.79 -3.00
C LEU A 244 1.87 12.23 -3.48
N THR A 245 0.95 12.46 -4.41
CA THR A 245 0.77 13.75 -5.06
C THR A 245 -0.71 14.14 -4.97
N GLY A 246 -1.03 15.34 -5.44
CA GLY A 246 -2.41 15.77 -5.61
C GLY A 246 -3.03 16.32 -4.34
N VAL A 247 -4.26 16.82 -4.49
CA VAL A 247 -4.99 17.42 -3.38
C VAL A 247 -5.42 16.34 -2.38
N VAL A 248 -5.36 16.67 -1.10
CA VAL A 248 -5.87 15.76 -0.07
C VAL A 248 -7.39 15.78 -0.19
N PRO A 249 -8.03 14.64 -0.45
CA PRO A 249 -9.47 14.65 -0.72
C PRO A 249 -10.27 14.99 0.53
N GLN A 250 -11.36 15.73 0.31
CA GLN A 250 -12.23 16.13 1.40
C GLN A 250 -12.89 14.91 2.06
N SER A 251 -13.08 13.83 1.30
CA SER A 251 -13.67 12.63 1.86
C SER A 251 -12.80 12.03 2.97
N LEU A 252 -11.49 12.27 2.94
CA LEU A 252 -10.63 11.84 4.05
C LEU A 252 -10.70 12.81 5.22
N VAL A 253 -10.69 14.10 4.95
CA VAL A 253 -10.76 15.10 6.00
C VAL A 253 -12.09 15.01 6.75
N SER A 254 -13.13 14.50 6.11
CA SER A 254 -14.48 14.49 6.69
C SER A 254 -14.87 13.20 7.39
N LEU A 255 -14.00 12.19 7.42
CA LEU A 255 -14.35 10.94 8.11
C LEU A 255 -14.42 11.19 9.60
N SER A 256 -15.61 11.02 10.18
CA SER A 256 -15.77 11.24 11.62
C SER A 256 -14.98 10.22 12.45
N SER A 257 -14.79 9.01 11.93
CA SER A 257 -14.08 7.98 12.68
C SER A 257 -12.60 8.27 12.83
N LEU A 258 -12.05 9.12 11.96
CA LEU A 258 -10.61 9.31 11.87
C LEU A 258 -10.03 9.82 13.18
N THR A 259 -8.91 9.25 13.57
CA THR A 259 -8.25 9.50 14.86
C THR A 259 -6.82 9.99 14.69
N THR A 260 -6.12 9.50 13.68
CA THR A 260 -4.68 9.72 13.53
C THR A 260 -4.37 9.74 12.05
N VAL A 261 -3.65 10.76 11.59
CA VAL A 261 -3.30 10.85 10.18
C VAL A 261 -1.86 11.34 10.04
N ASN A 262 -1.03 10.58 9.31
CA ASN A 262 0.37 10.88 9.10
C ASN A 262 0.59 11.06 7.60
N LEU A 263 0.83 12.29 7.17
CA LEU A 263 1.00 12.62 5.76
C LEU A 263 2.40 13.15 5.44
N THR A 264 3.22 13.35 6.46
CA THR A 264 4.53 13.97 6.32
C THR A 264 5.41 13.23 5.33
N ASN A 265 6.18 14.01 4.55
CA ASN A 265 7.15 13.51 3.57
C ASN A 265 6.44 12.85 2.38
N ASN A 266 5.62 13.62 1.69
CA ASN A 266 5.07 13.21 0.40
C ASN A 266 5.23 14.43 -0.51
N TYR A 267 4.46 14.47 -1.60
CA TYR A 267 4.42 15.63 -2.48
C TYR A 267 2.98 16.09 -2.65
N LEU A 268 2.22 16.05 -1.55
CA LEU A 268 0.82 16.42 -1.65
C LEU A 268 0.67 17.89 -1.97
N GLN A 269 -0.38 18.24 -2.70
CA GLN A 269 -0.55 19.57 -3.26
C GLN A 269 -1.88 20.20 -2.81
N GLY A 270 -2.05 21.47 -3.18
CA GLY A 270 -3.20 22.23 -2.77
C GLY A 270 -3.05 22.74 -1.36
N PRO A 271 -4.15 23.09 -0.70
CA PRO A 271 -4.07 23.63 0.66
C PRO A 271 -3.71 22.54 1.66
N THR A 272 -2.96 22.95 2.68
CA THR A 272 -2.80 22.09 3.85
C THR A 272 -4.20 21.76 4.38
N PRO A 273 -4.55 20.48 4.51
CA PRO A 273 -5.90 20.11 4.93
C PRO A 273 -6.16 20.48 6.39
N LEU A 274 -7.42 20.78 6.69
CA LEU A 274 -7.85 21.09 8.06
C LEU A 274 -8.69 19.93 8.58
N PHE A 275 -8.10 19.08 9.42
CA PHE A 275 -8.83 17.98 10.05
C PHE A 275 -9.55 18.46 11.29
N GLY A 276 -10.47 17.63 11.79
CA GLY A 276 -11.13 17.93 13.06
C GLY A 276 -10.14 18.04 14.20
N LYS A 277 -10.53 18.77 15.24
CA LYS A 277 -9.53 19.02 16.28
C LYS A 277 -9.35 17.86 17.25
N SER A 278 -10.16 16.80 17.15
CA SER A 278 -9.85 15.60 17.89
C SER A 278 -8.83 14.71 17.19
N VAL A 279 -8.42 15.06 15.98
CA VAL A 279 -7.53 14.22 15.18
C VAL A 279 -6.09 14.56 15.51
N GLY A 280 -5.28 13.54 15.77
CA GLY A 280 -3.85 13.74 15.87
C GLY A 280 -3.26 13.81 14.48
N VAL A 281 -2.66 14.95 14.14
CA VAL A 281 -2.29 15.27 12.77
C VAL A 281 -0.77 15.38 12.68
N ASP A 282 -0.17 14.54 11.83
CA ASP A 282 1.27 14.55 11.56
C ASP A 282 1.46 15.06 10.13
N ILE A 283 1.61 16.39 10.01
CA ILE A 283 1.89 17.07 8.75
C ILE A 283 2.90 18.17 9.05
N VAL A 284 4.18 17.86 8.95
CA VAL A 284 5.23 18.79 9.34
C VAL A 284 5.44 19.82 8.24
N ASN A 285 5.56 21.09 8.62
CA ASN A 285 5.73 22.18 7.66
C ASN A 285 6.78 21.85 6.61
N ASN A 286 6.46 22.13 5.34
CA ASN A 286 7.37 22.06 4.20
C ASN A 286 7.78 20.65 3.81
N MET A 287 7.17 19.62 4.40
CA MET A 287 7.47 18.23 4.04
C MET A 287 6.44 17.69 3.07
N ASN A 288 5.79 18.58 2.31
CA ASN A 288 4.87 18.24 1.24
C ASN A 288 4.97 19.38 0.23
N SER A 289 4.01 19.45 -0.69
CA SER A 289 3.96 20.57 -1.62
C SER A 289 2.67 21.38 -1.49
N PHE A 290 2.24 21.65 -0.26
CA PHE A 290 1.03 22.45 -0.05
C PHE A 290 1.30 23.93 -0.36
N CYS A 291 0.25 24.68 -0.75
CA CYS A 291 0.51 26.05 -1.16
C CYS A 291 0.93 26.93 0.03
N THR A 292 0.34 26.70 1.21
CA THR A 292 0.80 27.36 2.43
C THR A 292 0.85 26.31 3.54
N ASN A 293 1.52 26.64 4.64
CA ASN A 293 1.56 25.74 5.79
C ASN A 293 0.43 25.99 6.77
N VAL A 294 -0.50 26.88 6.45
CA VAL A 294 -1.64 27.12 7.34
C VAL A 294 -2.77 26.14 6.98
N ALA A 295 -3.13 25.31 7.94
CA ALA A 295 -4.17 24.32 7.71
C ALA A 295 -5.51 25.01 7.43
N GLY A 296 -6.15 24.62 6.33
CA GLY A 296 -7.39 25.23 5.91
C GLY A 296 -7.26 26.53 5.14
N GLU A 297 -6.05 27.02 4.85
CA GLU A 297 -5.93 28.27 4.12
C GLU A 297 -6.02 28.03 2.60
N ALA A 298 -6.86 28.83 1.94
CA ALA A 298 -7.01 28.71 0.49
C ALA A 298 -5.74 29.14 -0.24
N CYS A 299 -5.51 28.51 -1.40
CA CYS A 299 -4.37 28.87 -2.23
C CYS A 299 -4.68 30.09 -3.09
N ASP A 300 -3.61 30.69 -3.60
CA ASP A 300 -3.75 31.65 -4.69
C ASP A 300 -4.53 31.01 -5.84
N PRO A 301 -5.47 31.74 -6.47
CA PRO A 301 -6.28 31.14 -7.53
C PRO A 301 -5.47 30.61 -8.71
N ARG A 302 -4.32 31.21 -9.01
CA ARG A 302 -3.48 30.67 -10.06
C ARG A 302 -2.93 29.30 -9.66
N VAL A 303 -2.64 29.11 -8.37
CA VAL A 303 -2.18 27.82 -7.86
C VAL A 303 -3.29 26.78 -7.94
N ASP A 304 -4.52 27.15 -7.59
CA ASP A 304 -5.65 26.25 -7.74
C ASP A 304 -5.81 25.81 -9.19
N THR A 305 -5.73 26.77 -10.12
CA THR A 305 -5.87 26.46 -11.53
C THR A 305 -4.78 25.50 -12.00
N LEU A 306 -3.52 25.76 -11.61
CA LEU A 306 -2.43 24.93 -12.10
C LEU A 306 -2.48 23.52 -11.50
N VAL A 307 -2.94 23.38 -10.25
CA VAL A 307 -3.10 22.06 -9.67
C VAL A 307 -4.20 21.28 -10.38
N SER A 308 -5.27 21.96 -10.83
CA SER A 308 -6.27 21.30 -11.69
C SER A 308 -5.68 20.88 -13.02
N VAL A 309 -4.77 21.67 -13.56
CA VAL A 309 -4.08 21.23 -14.78
C VAL A 309 -3.27 19.98 -14.50
N ALA A 310 -2.56 19.96 -13.36
CA ALA A 310 -1.80 18.76 -13.00
C ALA A 310 -2.70 17.57 -12.74
N GLU A 311 -3.89 17.81 -12.17
CA GLU A 311 -4.85 16.74 -11.96
C GLU A 311 -5.18 15.99 -13.25
N SER A 312 -5.41 16.72 -14.34
CA SER A 312 -5.75 16.04 -15.59
C SER A 312 -4.54 15.41 -16.26
N PHE A 313 -3.33 15.72 -15.80
CA PHE A 313 -2.15 14.95 -16.15
C PHE A 313 -1.91 13.77 -15.21
N GLY A 314 -2.84 13.52 -14.28
CA GLY A 314 -2.64 12.45 -13.32
C GLY A 314 -1.74 12.83 -12.17
N TYR A 315 -1.54 14.13 -11.91
CA TYR A 315 -0.71 14.63 -10.83
C TYR A 315 0.71 14.08 -10.88
N PRO A 316 1.50 14.38 -11.91
CA PRO A 316 2.87 13.83 -11.98
C PRO A 316 3.74 14.33 -10.82
N VAL A 317 4.61 13.45 -10.35
CA VAL A 317 5.55 13.77 -9.26
C VAL A 317 6.48 14.91 -9.66
N LYS A 318 6.89 14.94 -10.93
CA LYS A 318 7.80 15.97 -11.41
C LYS A 318 7.21 17.37 -11.21
N LEU A 319 5.90 17.54 -11.45
CA LEU A 319 5.29 18.85 -11.19
C LEU A 319 5.15 19.08 -9.68
N ALA A 320 4.70 18.06 -8.95
CA ALA A 320 4.46 18.23 -7.51
C ALA A 320 5.74 18.55 -6.76
N GLU A 321 6.87 17.97 -7.18
CA GLU A 321 8.16 18.29 -6.55
C GLU A 321 8.59 19.73 -6.80
N SER A 322 8.18 20.30 -7.93
CA SER A 322 8.63 21.64 -8.27
C SER A 322 7.64 22.73 -7.85
N TRP A 323 6.34 22.45 -7.87
CA TRP A 323 5.30 23.49 -7.77
C TRP A 323 4.97 23.76 -6.30
N LYS A 324 5.95 24.33 -5.61
CA LYS A 324 5.90 24.57 -4.17
C LYS A 324 5.47 26.00 -3.86
N GLY A 325 4.80 26.16 -2.72
CA GLY A 325 4.43 27.47 -2.26
C GLY A 325 3.21 28.00 -2.98
N ASN A 326 3.01 29.32 -2.84
CA ASN A 326 1.77 29.97 -3.23
C ASN A 326 1.97 30.98 -4.38
N ASN A 327 3.11 30.95 -5.06
CA ASN A 327 3.41 31.89 -6.12
C ASN A 327 4.00 31.11 -7.30
N PRO A 328 3.21 30.89 -8.35
CA PRO A 328 3.70 30.11 -9.50
C PRO A 328 4.76 30.81 -10.32
N CYS A 329 5.01 32.10 -10.08
CA CYS A 329 6.03 32.84 -10.79
C CYS A 329 7.42 32.65 -10.18
N VAL A 330 7.54 31.88 -9.10
CA VAL A 330 8.83 31.64 -8.48
C VAL A 330 9.33 30.22 -8.77
N ASN A 331 10.00 30.04 -9.91
CA ASN A 331 10.74 28.80 -10.23
C ASN A 331 9.84 27.55 -10.29
N TRP A 332 8.69 27.65 -10.94
CA TRP A 332 7.88 26.47 -11.22
C TRP A 332 8.24 25.92 -12.60
N VAL A 333 8.55 24.62 -12.68
CA VAL A 333 9.02 24.08 -13.95
C VAL A 333 7.93 24.21 -15.00
N GLY A 334 8.34 24.63 -16.20
CA GLY A 334 7.43 24.81 -17.30
C GLY A 334 6.57 26.06 -17.23
N ILE A 335 6.66 26.86 -16.17
CA ILE A 335 5.85 28.07 -16.00
C ILE A 335 6.74 29.29 -16.15
N THR A 336 6.40 30.16 -17.12
CA THR A 336 7.07 31.45 -17.30
C THR A 336 6.09 32.59 -17.03
N CYS A 337 6.58 33.63 -16.36
CA CYS A 337 5.78 34.80 -16.01
C CYS A 337 6.42 36.05 -16.58
N SER A 338 5.56 37.00 -16.92
CA SER A 338 5.98 38.37 -17.18
C SER A 338 5.38 39.18 -16.05
N GLY A 339 6.20 39.45 -15.03
CA GLY A 339 5.85 40.19 -13.83
C GLY A 339 4.45 39.93 -13.29
N GLY A 340 4.27 38.84 -12.55
CA GLY A 340 2.98 38.51 -11.95
C GLY A 340 2.02 37.75 -12.85
N ASN A 341 2.10 37.94 -14.16
CA ASN A 341 1.20 37.27 -15.09
C ASN A 341 1.87 36.01 -15.60
N ILE A 342 1.16 34.88 -15.53
CA ILE A 342 1.65 33.67 -16.17
C ILE A 342 1.45 33.81 -17.68
N THR A 343 2.53 33.69 -18.43
CA THR A 343 2.46 33.91 -19.87
C THR A 343 2.78 32.67 -20.69
N VAL A 344 3.52 31.71 -20.16
CA VAL A 344 3.87 30.51 -20.91
C VAL A 344 3.68 29.27 -20.06
N VAL A 345 2.98 28.29 -20.60
CA VAL A 345 2.97 26.92 -20.09
C VAL A 345 3.69 26.06 -21.13
N ASN A 346 4.81 25.47 -20.73
CA ASN A 346 5.71 24.77 -21.64
C ASN A 346 6.04 23.42 -21.03
N MET A 347 5.46 22.36 -21.59
CA MET A 347 5.74 21.01 -21.10
C MET A 347 6.01 20.07 -22.25
N ARG A 348 6.77 20.55 -23.24
CA ARG A 348 7.09 19.73 -24.40
C ARG A 348 7.99 18.58 -23.98
N LYS A 349 7.67 17.38 -24.48
CA LYS A 349 8.52 16.20 -24.31
C LYS A 349 8.67 15.80 -22.85
N GLN A 350 7.57 15.80 -22.12
CA GLN A 350 7.61 15.53 -20.68
C GLN A 350 6.93 14.22 -20.31
N ASP A 351 6.63 13.39 -21.31
CA ASP A 351 6.00 12.08 -21.10
C ASP A 351 4.68 12.21 -20.35
N LEU A 352 3.89 13.21 -20.71
CA LEU A 352 2.63 13.46 -20.02
C LEU A 352 1.51 12.60 -20.61
N SER A 353 0.73 11.97 -19.72
CA SER A 353 -0.49 11.28 -20.10
C SER A 353 -1.69 12.02 -19.53
N GLY A 354 -2.86 11.77 -20.11
CA GLY A 354 -4.08 12.40 -19.66
C GLY A 354 -4.69 13.35 -20.67
N THR A 355 -5.27 14.45 -20.18
CA THR A 355 -6.02 15.39 -21.00
C THR A 355 -5.60 16.82 -20.64
N ILE A 356 -6.07 17.77 -21.44
CA ILE A 356 -5.91 19.19 -21.13
C ILE A 356 -7.12 19.64 -20.32
N SER A 357 -6.90 20.04 -19.08
CA SER A 357 -7.98 20.55 -18.25
C SER A 357 -8.57 21.82 -18.85
N PRO A 358 -9.90 21.93 -18.96
CA PRO A 358 -10.51 23.22 -19.32
C PRO A 358 -10.09 24.36 -18.40
N SER A 359 -9.68 24.06 -17.17
CA SER A 359 -9.21 25.09 -16.23
C SER A 359 -8.01 25.87 -16.75
N LEU A 360 -7.25 25.30 -17.69
CA LEU A 360 -6.11 26.02 -18.26
C LEU A 360 -6.53 27.38 -18.81
N ALA A 361 -7.77 27.51 -19.26
CA ALA A 361 -8.24 28.77 -19.83
C ALA A 361 -8.42 29.86 -18.78
N LYS A 362 -8.36 29.52 -17.49
CA LYS A 362 -8.45 30.55 -16.45
C LYS A 362 -7.16 31.34 -16.33
N LEU A 363 -6.05 30.87 -16.88
CA LEU A 363 -4.82 31.65 -16.90
C LEU A 363 -4.92 32.64 -18.07
N THR A 364 -5.67 33.72 -17.84
CA THR A 364 -6.10 34.58 -18.93
C THR A 364 -4.96 35.38 -19.56
N SER A 365 -3.79 35.48 -18.94
CA SER A 365 -2.69 36.19 -19.56
C SER A 365 -1.84 35.32 -20.48
N LEU A 366 -2.19 34.05 -20.65
CA LEU A 366 -1.32 33.14 -21.39
C LEU A 366 -1.09 33.60 -22.83
N GLU A 367 0.17 33.53 -23.26
CA GLU A 367 0.57 33.86 -24.62
C GLU A 367 1.04 32.64 -25.40
N THR A 368 1.63 31.65 -24.73
CA THR A 368 2.06 30.42 -25.39
C THR A 368 1.72 29.21 -24.54
N ILE A 369 1.15 28.19 -25.18
CA ILE A 369 0.98 26.88 -24.59
C ILE A 369 1.67 25.89 -25.51
N ASN A 370 2.69 25.21 -25.00
CA ASN A 370 3.36 24.14 -25.72
C ASN A 370 3.26 22.85 -24.91
N LEU A 371 2.48 21.90 -25.42
CA LEU A 371 2.36 20.56 -24.86
C LEU A 371 2.78 19.51 -25.87
N ALA A 372 3.66 19.90 -26.81
CA ALA A 372 4.04 19.01 -27.90
C ALA A 372 4.76 17.78 -27.39
N ASP A 373 4.63 16.68 -28.13
CA ASP A 373 5.46 15.49 -27.96
C ASP A 373 5.22 14.85 -26.60
N ASN A 374 3.96 14.55 -26.31
CA ASN A 374 3.56 13.88 -25.08
C ASN A 374 2.66 12.73 -25.49
N LYS A 375 1.83 12.26 -24.56
CA LYS A 375 0.88 11.18 -24.82
C LYS A 375 -0.53 11.60 -24.41
N LEU A 376 -0.84 12.88 -24.55
CA LEU A 376 -2.14 13.40 -24.17
C LEU A 376 -3.18 13.01 -25.21
N SER A 377 -4.43 12.99 -24.78
CA SER A 377 -5.53 12.66 -25.66
C SER A 377 -6.77 13.44 -25.20
N GLY A 378 -7.95 13.00 -25.64
CA GLY A 378 -9.18 13.77 -25.44
C GLY A 378 -9.32 14.90 -26.44
N HIS A 379 -10.18 15.85 -26.11
CA HIS A 379 -10.44 17.03 -26.92
C HIS A 379 -9.59 18.21 -26.46
N ILE A 380 -9.26 19.08 -27.41
CA ILE A 380 -8.75 20.41 -27.09
C ILE A 380 -9.93 21.23 -26.57
N PRO A 381 -9.92 21.69 -25.32
CA PRO A 381 -11.10 22.37 -24.77
C PRO A 381 -11.39 23.68 -25.48
N ASP A 382 -12.68 23.91 -25.75
CA ASP A 382 -13.11 25.12 -26.44
C ASP A 382 -12.78 26.37 -25.64
N GLU A 383 -12.75 26.24 -24.32
CA GLU A 383 -12.46 27.37 -23.44
C GLU A 383 -11.15 28.07 -23.79
N LEU A 384 -10.21 27.37 -24.43
CA LEU A 384 -8.95 28.00 -24.81
C LEU A 384 -9.13 29.11 -25.84
N THR A 385 -10.22 29.09 -26.61
CA THR A 385 -10.41 30.16 -27.58
C THR A 385 -10.72 31.50 -26.93
N THR A 386 -11.05 31.52 -25.64
CA THR A 386 -11.26 32.76 -24.90
C THR A 386 -9.96 33.39 -24.39
N LEU A 387 -8.80 32.79 -24.67
CA LEU A 387 -7.53 33.35 -24.22
C LEU A 387 -7.13 34.47 -25.17
N SER A 388 -7.41 35.72 -24.80
CA SER A 388 -7.35 36.82 -25.76
C SER A 388 -5.92 37.25 -26.09
N LYS A 389 -4.93 36.91 -25.27
CA LYS A 389 -3.54 37.23 -25.55
C LYS A 389 -2.74 36.04 -26.08
N LEU A 390 -3.41 34.93 -26.38
CA LEU A 390 -2.73 33.71 -26.80
C LEU A 390 -2.27 33.85 -28.25
N ARG A 391 -1.00 33.53 -28.48
CA ARG A 391 -0.42 33.61 -29.81
C ARG A 391 0.04 32.27 -30.36
N LEU A 392 0.27 31.27 -29.51
CA LEU A 392 0.77 29.98 -29.95
C LEU A 392 0.25 28.87 -29.05
N LEU A 393 -0.46 27.93 -29.64
CA LEU A 393 -0.90 26.70 -29.00
C LEU A 393 -0.35 25.55 -29.83
N ASP A 394 0.66 24.87 -29.31
CA ASP A 394 1.30 23.77 -30.02
C ASP A 394 1.03 22.46 -29.27
N VAL A 395 0.19 21.62 -29.86
CA VAL A 395 -0.11 20.31 -29.27
C VAL A 395 0.34 19.21 -30.23
N SER A 396 1.40 19.49 -30.99
CA SER A 396 1.97 18.51 -31.92
C SER A 396 2.25 17.18 -31.24
N ASN A 397 2.03 16.10 -31.98
CA ASN A 397 2.52 14.77 -31.62
C ASN A 397 1.94 14.29 -30.29
N ASN A 398 0.61 14.32 -30.22
CA ASN A 398 -0.12 13.70 -29.13
C ASN A 398 -1.16 12.80 -29.78
N ASP A 399 -2.24 12.49 -29.06
CA ASP A 399 -3.33 11.71 -29.61
C ASP A 399 -4.67 12.40 -29.35
N PHE A 400 -4.71 13.70 -29.62
CA PHE A 400 -5.95 14.46 -29.53
C PHE A 400 -6.89 14.12 -30.68
N TYR A 401 -8.19 14.24 -30.43
CA TYR A 401 -9.20 13.96 -31.44
C TYR A 401 -10.31 14.99 -31.29
N GLY A 402 -11.39 14.81 -32.06
CA GLY A 402 -12.49 15.76 -32.05
C GLY A 402 -12.22 16.95 -32.96
N ILE A 403 -13.15 17.90 -32.91
CA ILE A 403 -13.05 19.10 -33.73
C ILE A 403 -12.10 20.08 -33.06
N PRO A 404 -11.04 20.53 -33.73
CA PRO A 404 -10.18 21.57 -33.15
C PRO A 404 -10.95 22.87 -33.03
N PRO A 405 -10.94 23.51 -31.86
CA PRO A 405 -11.66 24.77 -31.71
C PRO A 405 -11.12 25.84 -32.66
N LYS A 406 -11.98 26.84 -32.98
CA LYS A 406 -11.56 28.03 -33.74
C LYS A 406 -11.01 29.09 -32.86
N PHE A 407 -9.75 29.34 -33.06
CA PHE A 407 -9.13 30.44 -32.37
C PHE A 407 -9.18 31.67 -33.26
N ARG A 408 -8.86 32.81 -32.65
CA ARG A 408 -8.76 34.02 -33.43
C ARG A 408 -7.71 33.87 -34.53
N ASP A 409 -7.80 34.77 -35.51
CA ASP A 409 -6.89 34.75 -36.65
C ASP A 409 -5.43 34.77 -36.24
N THR A 410 -5.13 35.44 -35.12
CA THR A 410 -3.77 35.70 -34.68
C THR A 410 -3.17 34.57 -33.85
N VAL A 411 -3.89 33.47 -33.62
CA VAL A 411 -3.36 32.34 -32.89
C VAL A 411 -2.78 31.34 -33.88
N THR A 412 -1.54 30.94 -33.66
CA THR A 412 -0.93 29.83 -34.40
C THR A 412 -1.24 28.54 -33.67
N LEU A 413 -1.96 27.64 -34.34
CA LEU A 413 -2.35 26.36 -33.77
C LEU A 413 -1.61 25.26 -34.51
N VAL A 414 -0.82 24.47 -33.79
CA VAL A 414 -0.08 23.36 -34.37
C VAL A 414 -0.65 22.05 -33.83
N THR A 415 -1.31 21.28 -34.69
CA THR A 415 -1.87 19.99 -34.30
C THR A 415 -1.30 18.82 -35.11
N GLU A 416 -0.23 19.03 -35.87
CA GLU A 416 0.30 17.93 -36.67
C GLU A 416 0.83 16.81 -35.78
N GLY A 417 0.74 15.57 -36.27
CA GLY A 417 1.09 14.43 -35.47
C GLY A 417 -0.02 13.91 -34.57
N ASN A 418 -1.21 14.48 -34.67
CA ASN A 418 -2.39 13.97 -33.99
C ASN A 418 -3.24 13.27 -35.04
N ALA A 419 -3.09 11.95 -35.14
CA ALA A 419 -3.62 11.20 -36.29
C ALA A 419 -5.13 11.34 -36.40
N ASN A 420 -5.83 11.40 -35.26
CA ASN A 420 -7.28 11.43 -35.22
C ASN A 420 -7.84 12.85 -35.03
N MET A 421 -7.05 13.87 -35.30
CA MET A 421 -7.54 15.24 -35.17
C MET A 421 -8.58 15.53 -36.25
N GLY A 422 -9.69 16.15 -35.86
CA GLY A 422 -10.81 16.36 -36.75
C GLY A 422 -11.81 15.22 -36.80
N LYS A 423 -11.45 14.05 -36.26
CA LYS A 423 -12.37 12.92 -36.19
C LYS A 423 -13.31 13.09 -35.00
N ASN A 424 -14.60 13.08 -35.26
CA ASN A 424 -15.60 13.45 -34.26
C ASN A 424 -16.85 12.60 -34.40
N GLY A 425 -16.75 11.41 -34.99
CA GLY A 425 -17.87 10.52 -35.12
C GLY A 425 -18.23 9.90 -33.77
N PRO A 426 -19.35 9.15 -33.75
CA PRO A 426 -19.84 8.46 -32.55
C PRO A 426 -18.89 7.36 -32.08
C1 NAG B . 1.41 9.79 13.43
C2 NAG B . 2.67 9.41 14.21
C3 NAG B . 2.40 9.39 15.72
C4 NAG B . 1.72 10.66 16.19
C5 NAG B . 0.49 10.93 15.33
C6 NAG B . -0.18 12.25 15.66
C7 NAG B . 4.34 7.91 13.19
C8 NAG B . 4.66 6.48 12.85
N2 NAG B . 3.15 8.11 13.78
O3 NAG B . 3.64 9.22 16.40
O4 NAG B . 1.25 10.49 17.52
O5 NAG B . 0.88 11.00 13.95
O6 NAG B . 0.75 13.32 15.55
O7 NAG B . 5.09 8.83 12.94
C1 NAG B . 1.98 11.26 18.50
C2 NAG B . 1.02 11.42 19.66
C3 NAG B . 1.67 12.20 20.81
C4 NAG B . 3.17 12.45 20.57
C5 NAG B . 3.91 11.26 19.93
C6 NAG B . 4.34 10.22 20.94
C7 NAG B . -1.38 11.43 19.16
C8 NAG B . -1.36 9.97 19.50
N2 NAG B . -0.21 12.07 19.26
O3 NAG B . 1.48 11.50 22.03
O4 NAG B . 3.35 13.63 19.78
O5 NAG B . 3.12 10.59 18.94
O6 NAG B . 4.33 10.74 22.27
O7 NAG B . -2.41 12.00 18.82
C1 NAG C . -5.94 -11.35 15.93
C2 NAG C . -6.11 -12.13 17.23
C3 NAG C . -6.94 -11.31 18.21
C4 NAG C . -6.27 -9.97 18.44
C5 NAG C . -6.00 -9.25 17.11
C6 NAG C . -5.11 -8.04 17.28
C7 NAG C . -7.85 -13.75 16.48
C8 NAG C . -8.19 -15.21 16.39
N2 NAG C . -6.66 -13.46 17.04
O3 NAG C . -7.04 -12.03 19.44
O4 NAG C . -7.11 -9.13 19.23
O5 NAG C . -5.32 -10.12 16.19
O6 NAG C . -5.48 -7.03 16.36
O7 NAG C . -8.60 -12.88 16.06
C1 NAG C . -6.38 -8.59 20.36
C2 NAG C . -7.35 -7.68 21.12
C3 NAG C . -6.69 -7.12 22.38
C4 NAG C . -6.07 -8.24 23.21
C5 NAG C . -5.14 -9.08 22.34
C6 NAG C . -4.55 -10.26 23.06
C7 NAG C . -8.99 -6.60 19.64
C8 NAG C . -9.87 -7.79 19.91
N2 NAG C . -7.80 -6.59 20.26
O3 NAG C . -7.68 -6.44 23.14
O4 NAG C . -5.33 -7.70 24.30
O5 NAG C . -5.89 -9.61 21.23
O6 NAG C . -3.13 -10.25 22.95
O7 NAG C . -9.34 -5.68 18.91
C1 NAG D . 14.23 -8.31 12.67
C2 NAG D . 14.40 -7.72 14.05
C3 NAG D . 15.86 -7.82 14.49
C4 NAG D . 16.35 -9.25 14.39
C5 NAG D . 16.07 -9.83 13.01
C6 NAG D . 16.36 -11.30 12.90
C7 NAG D . 13.02 -5.88 14.91
C8 NAG D . 12.68 -4.41 14.79
N2 NAG D . 13.96 -6.33 14.07
O3 NAG D . 15.98 -7.37 15.83
O4 NAG D . 17.75 -9.31 14.67
O5 NAG D . 14.67 -9.67 12.68
O6 NAG D . 16.48 -11.71 11.55
O7 NAG D . 12.46 -6.60 15.72
C1 NAG E . 6.99 -0.77 -9.54
C2 NAG E . 7.30 -0.14 -10.92
C3 NAG E . 7.53 -1.23 -11.97
C4 NAG E . 8.54 -2.26 -11.47
C5 NAG E . 8.05 -2.82 -10.15
C6 NAG E . 8.94 -3.89 -9.56
C7 NAG E . 6.23 2.06 -11.08
C8 NAG E . 5.02 2.81 -11.53
N2 NAG E . 6.22 0.73 -11.32
O3 NAG E . 8.00 -0.62 -13.16
O4 NAG E . 8.68 -3.32 -12.42
O5 NAG E . 7.98 -1.75 -9.21
O6 NAG E . 10.18 -3.37 -9.10
O7 NAG E . 7.18 2.62 -10.55
#